data_4GD5
#
_entry.id   4GD5
#
_cell.length_a   55.888
_cell.length_b   73.302
_cell.length_c   56.415
_cell.angle_alpha   90.00
_cell.angle_beta   102.09
_cell.angle_gamma   90.00
#
_symmetry.space_group_name_H-M   'P 1 21 1'
#
loop_
_entity.id
_entity.type
_entity.pdbx_description
1 polymer 'Phosphate ABC transporter, phosphate-binding protein'
2 non-polymer 'PHOSPHATE ION'
3 non-polymer 'CHLORIDE ION'
4 non-polymer 1,2-ETHANEDIOL
5 non-polymer DI(HYDROXYETHYL)ETHER
6 water water
#
_entity_poly.entity_id   1
_entity_poly.type   'polypeptide(L)'
_entity_poly.pdbx_seq_one_letter_code
;SNA(MSE)FKKRLIAIIGTIFIGATA(MSE)VGCNSGGSEAKSTNSVSISGSTSVGPV(MSE)EAEAEAFKTKKPDVSIE
INQIGSSAGIKNA(MSE)EGVSEIG(MSE)ASRDLKGEEKQAGLKEVEIAYDGIALITHKNNPVKDLTLVQIKDIYTGKI
TNWKELGGNDAPIVVVSREDGSGTRDAFQEIVGFKAEELTVNSQISDGSGNIKSLVQGNENAIGYISFSYVDDSVSAVKV
DGVEATPENVLNKSYKVSRPFLAVYKEENLTESGKSFIDFILSEEGQDIVAKEHLIKVK
;
_entity_poly.pdbx_strand_id   A,B
#
loop_
_chem_comp.id
_chem_comp.type
_chem_comp.name
_chem_comp.formula
CL non-polymer 'CHLORIDE ION' 'Cl -1'
EDO non-polymer 1,2-ETHANEDIOL 'C2 H6 O2'
PEG non-polymer DI(HYDROXYETHYL)ETHER 'C4 H10 O3'
PO4 non-polymer 'PHOSPHATE ION' 'O4 P -3'
#
# COMPACT_ATOMS: atom_id res chain seq x y z
N ASN A 37 -17.69 20.66 7.11
CA ASN A 37 -16.77 21.36 6.23
C ASN A 37 -16.32 20.43 5.09
N SER A 38 -15.06 19.90 5.11
CA SER A 38 -14.53 19.03 4.05
C SER A 38 -14.16 17.65 4.60
N VAL A 39 -14.82 16.62 4.07
CA VAL A 39 -14.66 15.24 4.53
C VAL A 39 -13.79 14.45 3.53
N SER A 40 -12.61 14.01 4.00
CA SER A 40 -11.67 13.26 3.16
C SER A 40 -11.93 11.77 3.30
N ILE A 41 -12.09 11.09 2.15
CA ILE A 41 -12.36 9.64 2.11
C ILE A 41 -11.42 8.96 1.13
N SER A 42 -10.84 7.82 1.51
CA SER A 42 -9.99 7.12 0.56
C SER A 42 -10.12 5.63 0.72
N GLY A 43 -9.83 4.87 -0.34
CA GLY A 43 -9.95 3.44 -0.22
C GLY A 43 -10.41 2.68 -1.45
N SER A 44 -11.26 1.70 -1.20
CA SER A 44 -11.62 0.65 -2.13
C SER A 44 -12.09 1.20 -3.48
N THR A 45 -11.63 0.56 -4.57
CA THR A 45 -12.12 0.90 -5.91
C THR A 45 -13.52 0.32 -6.11
N SER A 46 -13.85 -0.81 -5.43
CA SER A 46 -15.19 -1.41 -5.52
C SER A 46 -16.26 -0.43 -4.99
N VAL A 47 -15.97 0.27 -3.88
CA VAL A 47 -16.89 1.20 -3.20
C VAL A 47 -16.93 2.58 -3.90
N GLY A 48 -15.84 2.96 -4.55
CA GLY A 48 -15.72 4.27 -5.21
C GLY A 48 -16.98 4.79 -5.89
N PRO A 49 -17.56 4.05 -6.87
CA PRO A 49 -18.72 4.56 -7.61
C PRO A 49 -19.96 4.78 -6.76
N VAL A 50 -20.34 3.83 -5.86
CA VAL A 50 -21.50 4.08 -4.99
C VAL A 50 -21.20 5.29 -4.07
N MSE A 51 -19.94 5.45 -3.60
N MSE A 51 -19.95 5.45 -3.59
CA MSE A 51 -19.59 6.58 -2.71
CA MSE A 51 -19.58 6.57 -2.70
C MSE A 51 -19.77 7.90 -3.44
C MSE A 51 -19.75 7.89 -3.44
O MSE A 51 -20.29 8.84 -2.88
O MSE A 51 -20.24 8.84 -2.85
CB MSE A 51 -18.15 6.43 -2.16
CB MSE A 51 -18.15 6.41 -2.16
CG MSE A 51 -17.87 7.29 -0.90
CG MSE A 51 -17.99 6.91 -0.73
SE MSE A 51 -18.89 6.92 0.75
SE MSE A 51 -18.82 5.68 0.57
CE MSE A 51 -19.65 5.25 0.28
CE MSE A 51 -17.81 6.13 2.15
N GLU A 52 -19.39 7.93 -4.73
CA GLU A 52 -19.55 9.15 -5.56
C GLU A 52 -21.05 9.44 -5.76
N ALA A 53 -21.88 8.40 -6.00
CA ALA A 53 -23.34 8.56 -6.15
C ALA A 53 -23.97 9.09 -4.86
N GLU A 54 -23.50 8.57 -3.70
CA GLU A 54 -23.95 9.03 -2.38
C GLU A 54 -23.57 10.50 -2.16
N ALA A 55 -22.31 10.87 -2.49
CA ALA A 55 -21.82 12.27 -2.34
C ALA A 55 -22.65 13.25 -3.18
N GLU A 56 -22.98 12.82 -4.44
CA GLU A 56 -23.74 13.64 -5.38
C GLU A 56 -25.13 13.99 -4.82
N ALA A 57 -25.83 12.98 -4.24
CA ALA A 57 -27.14 13.20 -3.64
C ALA A 57 -27.01 13.99 -2.34
N PHE A 58 -25.96 13.70 -1.54
CA PHE A 58 -25.74 14.39 -0.26
C PHE A 58 -25.50 15.88 -0.44
N LYS A 59 -24.91 16.29 -1.59
CA LYS A 59 -24.67 17.70 -1.90
C LYS A 59 -25.99 18.49 -1.92
N THR A 60 -27.12 17.82 -2.19
CA THR A 60 -28.44 18.46 -2.18
C THR A 60 -29.04 18.45 -0.77
N LYS A 61 -28.52 17.59 0.14
CA LYS A 61 -29.02 17.45 1.51
C LYS A 61 -28.28 18.37 2.48
N LYS A 62 -26.95 18.42 2.38
CA LYS A 62 -26.10 19.26 3.23
C LYS A 62 -25.17 20.03 2.29
N PRO A 63 -25.67 21.14 1.69
CA PRO A 63 -24.87 21.86 0.68
C PRO A 63 -23.57 22.48 1.17
N ASP A 64 -23.40 22.72 2.48
CA ASP A 64 -22.16 23.29 3.01
C ASP A 64 -21.08 22.22 3.24
N VAL A 65 -21.39 20.94 3.00
CA VAL A 65 -20.41 19.86 3.19
C VAL A 65 -19.79 19.50 1.84
N SER A 66 -18.46 19.38 1.80
CA SER A 66 -17.74 18.94 0.61
C SER A 66 -17.09 17.60 0.91
N ILE A 67 -17.24 16.63 0.01
CA ILE A 67 -16.67 15.30 0.20
C ILE A 67 -15.65 15.03 -0.92
N GLU A 68 -14.42 14.63 -0.55
CA GLU A 68 -13.35 14.30 -1.49
C GLU A 68 -13.07 12.82 -1.41
N ILE A 69 -13.29 12.09 -2.51
CA ILE A 69 -13.14 10.63 -2.52
C ILE A 69 -11.99 10.23 -3.45
N ASN A 70 -11.05 9.41 -2.96
CA ASN A 70 -9.93 8.95 -3.78
C ASN A 70 -9.85 7.45 -3.71
N GLN A 71 -9.78 6.80 -4.87
CA GLN A 71 -9.79 5.33 -5.02
C GLN A 71 -8.36 4.80 -5.12
N ILE A 72 -7.92 4.10 -4.06
CA ILE A 72 -6.54 3.59 -3.91
C ILE A 72 -6.47 2.13 -3.44
N GLY A 73 -7.62 1.46 -3.31
CA GLY A 73 -7.66 0.09 -2.81
C GLY A 73 -7.96 0.04 -1.33
N SER A 74 -8.59 -1.06 -0.88
CA SER A 74 -8.99 -1.23 0.53
C SER A 74 -7.86 -1.13 1.55
N SER A 75 -6.73 -1.84 1.34
N SER A 75 -6.73 -1.84 1.34
CA SER A 75 -5.66 -1.81 2.35
CA SER A 75 -5.64 -1.81 2.33
C SER A 75 -5.11 -0.41 2.60
C SER A 75 -5.15 -0.40 2.59
N ALA A 76 -4.90 0.39 1.53
CA ALA A 76 -4.41 1.76 1.65
C ALA A 76 -5.46 2.68 2.30
N GLY A 77 -6.74 2.45 2.01
CA GLY A 77 -7.80 3.25 2.63
C GLY A 77 -7.89 3.02 4.13
N ILE A 78 -7.78 1.75 4.53
CA ILE A 78 -7.82 1.39 5.95
C ILE A 78 -6.61 1.99 6.64
N LYS A 79 -5.42 1.87 6.03
CA LYS A 79 -4.19 2.45 6.60
C LYS A 79 -4.33 3.97 6.76
N ASN A 80 -4.87 4.66 5.73
CA ASN A 80 -5.04 6.12 5.83
C ASN A 80 -5.99 6.51 6.96
N ALA A 81 -7.08 5.74 7.13
CA ALA A 81 -8.04 6.02 8.23
C ALA A 81 -7.37 5.81 9.59
N MSE A 82 -6.56 4.75 9.71
N MSE A 82 -6.56 4.73 9.74
CA MSE A 82 -5.83 4.39 10.93
CA MSE A 82 -5.83 4.42 10.99
C MSE A 82 -4.86 5.47 11.39
C MSE A 82 -4.91 5.56 11.41
O MSE A 82 -4.65 5.67 12.58
O MSE A 82 -4.83 5.88 12.59
CB MSE A 82 -5.04 3.13 10.62
CB MSE A 82 -4.97 3.15 10.83
CG MSE A 82 -4.55 2.41 11.81
CG MSE A 82 -5.76 1.85 10.84
SE MSE A 82 -3.62 0.92 11.09
SE MSE A 82 -4.66 0.29 10.35
CE MSE A 82 -5.14 -0.25 10.60
CE MSE A 82 -3.28 0.41 11.76
N GLU A 83 -4.23 6.15 10.41
CA GLU A 83 -3.23 7.18 10.65
C GLU A 83 -3.78 8.60 10.68
N GLY A 84 -5.05 8.79 10.30
CA GLY A 84 -5.63 10.13 10.29
C GLY A 84 -5.37 10.90 9.00
N VAL A 85 -4.83 10.19 7.98
CA VAL A 85 -4.57 10.77 6.65
C VAL A 85 -5.94 11.03 5.98
N SER A 86 -6.88 10.09 6.14
CA SER A 86 -8.27 10.21 5.68
C SER A 86 -9.18 10.19 6.92
N GLU A 87 -10.24 10.98 6.90
CA GLU A 87 -11.21 10.98 8.00
C GLU A 87 -12.00 9.64 7.94
N ILE A 88 -12.32 9.16 6.71
CA ILE A 88 -13.04 7.90 6.53
C ILE A 88 -12.30 7.04 5.51
N GLY A 89 -12.10 5.78 5.84
CA GLY A 89 -11.54 4.81 4.91
C GLY A 89 -12.64 3.94 4.33
N MSE A 90 -12.53 3.56 3.04
N MSE A 90 -12.54 3.57 3.04
CA MSE A 90 -13.48 2.66 2.40
CA MSE A 90 -13.52 2.69 2.39
C MSE A 90 -12.84 1.31 2.24
C MSE A 90 -12.89 1.32 2.18
O MSE A 90 -11.72 1.23 1.75
O MSE A 90 -11.81 1.25 1.58
CB MSE A 90 -13.94 3.17 1.02
CB MSE A 90 -13.99 3.23 1.01
CG MSE A 90 -14.72 4.46 1.06
CG MSE A 90 -14.60 4.59 0.98
SE MSE A 90 -16.10 4.56 2.54
SE MSE A 90 -14.83 5.02 -0.99
CE MSE A 90 -17.22 3.00 2.19
CE MSE A 90 -13.00 5.10 -1.77
N ALA A 91 -13.55 0.25 2.65
CA ALA A 91 -13.02 -1.12 2.50
C ALA A 91 -14.07 -2.01 1.88
N SER A 92 -13.65 -2.94 1.02
CA SER A 92 -14.60 -3.89 0.40
C SER A 92 -14.35 -5.32 0.93
N ARG A 93 -14.00 -5.41 2.20
CA ARG A 93 -13.77 -6.66 2.91
C ARG A 93 -13.81 -6.37 4.39
N ASP A 94 -13.96 -7.43 5.19
CA ASP A 94 -13.82 -7.28 6.63
C ASP A 94 -12.37 -6.93 6.93
N LEU A 95 -12.15 -6.26 8.07
CA LEU A 95 -10.80 -5.90 8.45
C LEU A 95 -10.01 -7.13 8.85
N LYS A 96 -8.75 -7.16 8.41
CA LYS A 96 -7.83 -8.25 8.74
C LYS A 96 -7.51 -8.18 10.23
N GLY A 97 -7.08 -9.30 10.79
CA GLY A 97 -6.71 -9.33 12.20
C GLY A 97 -5.73 -8.24 12.61
N GLU A 98 -4.64 -8.06 11.85
CA GLU A 98 -3.66 -7.02 12.18
C GLU A 98 -4.29 -5.60 12.17
N GLU A 99 -5.32 -5.35 11.31
CA GLU A 99 -5.99 -4.02 11.23
C GLU A 99 -6.97 -3.81 12.37
N LYS A 100 -7.45 -4.91 12.97
CA LYS A 100 -8.41 -4.86 14.10
C LYS A 100 -7.77 -4.28 15.36
N GLN A 101 -6.49 -4.28 15.31
CA GLN A 101 -5.71 -3.83 16.46
C GLN A 101 -5.92 -2.33 16.72
N ALA A 102 -6.09 -1.54 15.66
CA ALA A 102 -6.22 -0.08 15.61
C ALA A 102 -7.44 0.48 16.37
N GLY A 103 -8.50 -0.31 16.49
CA GLY A 103 -9.71 0.13 17.17
C GLY A 103 -10.57 1.05 16.33
N LEU A 104 -10.47 0.93 15.00
CA LEU A 104 -11.32 1.71 14.11
C LEU A 104 -12.79 1.33 14.32
N LYS A 105 -13.70 2.31 14.23
CA LYS A 105 -15.14 2.04 14.22
C LYS A 105 -15.46 1.54 12.83
N GLU A 106 -16.34 0.52 12.68
CA GLU A 106 -16.69 -0.01 11.35
C GLU A 106 -18.18 0.12 11.10
N VAL A 107 -18.58 0.65 9.95
CA VAL A 107 -20.00 0.81 9.59
C VAL A 107 -20.24 0.10 8.28
N GLU A 108 -21.11 -0.92 8.27
CA GLU A 108 -21.49 -1.60 7.02
C GLU A 108 -22.44 -0.69 6.25
N ILE A 109 -22.11 -0.35 4.99
CA ILE A 109 -23.00 0.53 4.19
C ILE A 109 -23.72 -0.29 3.10
N ALA A 110 -23.24 -1.51 2.82
CA ALA A 110 -23.83 -2.43 1.84
C ALA A 110 -23.10 -3.76 1.83
N TYR A 111 -23.61 -4.70 1.02
N TYR A 111 -23.62 -4.73 1.06
CA TYR A 111 -22.94 -5.96 0.73
CA TYR A 111 -22.95 -5.99 0.76
C TYR A 111 -22.77 -6.03 -0.77
C TYR A 111 -22.75 -6.02 -0.76
N ASP A 112 -21.77 -6.79 -1.23
CA ASP A 112 -21.46 -6.84 -2.64
C ASP A 112 -20.99 -8.22 -3.04
N GLY A 113 -21.49 -8.69 -4.16
CA GLY A 113 -21.04 -9.96 -4.70
C GLY A 113 -19.82 -9.72 -5.57
N ILE A 114 -18.93 -10.70 -5.64
CA ILE A 114 -17.77 -10.67 -6.53
C ILE A 114 -18.11 -11.59 -7.71
N ALA A 115 -18.23 -11.03 -8.90
CA ALA A 115 -18.48 -11.81 -10.11
C ALA A 115 -17.17 -12.31 -10.70
N LEU A 116 -17.23 -13.48 -11.35
CA LEU A 116 -16.15 -14.06 -12.15
C LEU A 116 -16.50 -13.70 -13.57
N ILE A 117 -15.77 -12.78 -14.18
CA ILE A 117 -16.09 -12.26 -15.50
C ILE A 117 -15.17 -12.82 -16.59
N THR A 118 -15.76 -13.07 -17.75
CA THR A 118 -15.07 -13.52 -18.96
C THR A 118 -15.39 -12.53 -20.06
N HIS A 119 -14.72 -12.68 -21.20
CA HIS A 119 -15.04 -11.92 -22.38
C HIS A 119 -16.46 -12.33 -22.80
N LYS A 120 -17.25 -11.41 -23.36
CA LYS A 120 -18.63 -11.71 -23.73
C LYS A 120 -18.75 -12.83 -24.78
N ASN A 121 -17.68 -13.15 -25.51
CA ASN A 121 -17.71 -14.17 -26.56
C ASN A 121 -17.31 -15.56 -26.05
N ASN A 122 -16.94 -15.68 -24.77
CA ASN A 122 -16.55 -16.99 -24.24
C ASN A 122 -17.77 -17.92 -24.17
N PRO A 123 -17.70 -19.16 -24.76
CA PRO A 123 -18.85 -20.08 -24.66
C PRO A 123 -19.06 -20.66 -23.25
N VAL A 124 -18.07 -20.58 -22.36
CA VAL A 124 -18.17 -21.09 -20.98
C VAL A 124 -18.96 -20.08 -20.15
N LYS A 125 -20.11 -20.50 -19.62
CA LYS A 125 -21.02 -19.63 -18.84
C LYS A 125 -21.17 -20.11 -17.39
N ASP A 126 -20.50 -21.22 -17.06
CA ASP A 126 -20.61 -21.89 -15.77
C ASP A 126 -19.28 -22.37 -15.27
N LEU A 127 -19.03 -22.12 -13.97
CA LEU A 127 -17.85 -22.63 -13.26
C LEU A 127 -18.23 -23.04 -11.86
N THR A 128 -17.60 -24.10 -11.34
CA THR A 128 -17.79 -24.47 -9.94
C THR A 128 -16.76 -23.69 -9.13
N LEU A 129 -16.98 -23.55 -7.81
CA LEU A 129 -15.98 -22.88 -6.97
C LEU A 129 -14.67 -23.69 -6.98
N VAL A 130 -14.78 -25.03 -7.12
CA VAL A 130 -13.59 -25.90 -7.20
C VAL A 130 -12.82 -25.59 -8.50
N GLN A 131 -13.53 -25.43 -9.64
CA GLN A 131 -12.86 -25.09 -10.90
C GLN A 131 -12.19 -23.72 -10.80
N ILE A 132 -12.85 -22.74 -10.15
CA ILE A 132 -12.28 -21.39 -9.99
C ILE A 132 -10.94 -21.47 -9.24
N LYS A 133 -10.89 -22.28 -8.15
CA LYS A 133 -9.66 -22.49 -7.39
C LYS A 133 -8.58 -23.12 -8.28
N ASP A 134 -8.95 -24.13 -9.07
CA ASP A 134 -8.00 -24.84 -9.94
C ASP A 134 -7.46 -23.91 -11.05
N ILE A 135 -8.29 -22.99 -11.57
CA ILE A 135 -7.82 -21.99 -12.54
C ILE A 135 -6.81 -21.04 -11.88
N TYR A 136 -7.19 -20.47 -10.76
CA TYR A 136 -6.34 -19.51 -10.08
C TYR A 136 -5.03 -20.07 -9.52
N THR A 137 -4.99 -21.38 -9.26
CA THR A 137 -3.76 -22.01 -8.76
C THR A 137 -2.96 -22.68 -9.90
N GLY A 138 -3.44 -22.57 -11.13
CA GLY A 138 -2.77 -23.10 -12.32
C GLY A 138 -2.89 -24.60 -12.56
N LYS A 139 -3.88 -25.26 -11.90
CA LYS A 139 -4.12 -26.70 -12.10
C LYS A 139 -4.90 -26.91 -13.40
N ILE A 140 -5.74 -25.95 -13.77
CA ILE A 140 -6.50 -25.90 -15.04
C ILE A 140 -5.91 -24.74 -15.82
N THR A 141 -5.41 -24.99 -17.03
CA THR A 141 -4.72 -23.95 -17.78
C THR A 141 -5.28 -23.69 -19.20
N ASN A 142 -6.26 -24.50 -19.64
CA ASN A 142 -6.84 -24.35 -20.97
C ASN A 142 -8.37 -24.47 -20.85
N TRP A 143 -9.11 -23.58 -21.56
CA TRP A 143 -10.57 -23.57 -21.54
C TRP A 143 -11.20 -24.90 -21.97
N LYS A 144 -10.46 -25.76 -22.71
N LYS A 144 -10.47 -25.76 -22.71
CA LYS A 144 -10.95 -27.07 -23.14
CA LYS A 144 -10.97 -27.07 -23.14
C LYS A 144 -11.31 -27.96 -21.93
C LYS A 144 -11.32 -27.96 -21.93
N GLU A 145 -10.61 -27.78 -20.80
CA GLU A 145 -10.81 -28.54 -19.58
C GLU A 145 -12.14 -28.20 -18.92
N LEU A 146 -12.69 -27.03 -19.28
CA LEU A 146 -13.96 -26.50 -18.77
C LEU A 146 -15.08 -26.61 -19.83
N GLY A 147 -14.80 -27.34 -20.90
CA GLY A 147 -15.71 -27.55 -22.02
C GLY A 147 -15.77 -26.43 -23.05
N GLY A 148 -14.85 -25.47 -22.95
CA GLY A 148 -14.80 -24.33 -23.87
C GLY A 148 -13.84 -24.56 -25.02
N ASN A 149 -13.27 -23.46 -25.54
CA ASN A 149 -12.36 -23.49 -26.67
C ASN A 149 -11.01 -24.09 -26.31
N ASP A 150 -10.30 -24.61 -27.32
CA ASP A 150 -8.92 -25.08 -27.14
C ASP A 150 -8.07 -23.79 -27.15
N ALA A 151 -7.90 -23.20 -25.96
CA ALA A 151 -7.21 -21.92 -25.81
C ALA A 151 -6.71 -21.78 -24.40
N PRO A 152 -5.60 -21.06 -24.20
CA PRO A 152 -5.07 -20.90 -22.84
C PRO A 152 -5.95 -19.99 -22.01
N ILE A 153 -5.97 -20.19 -20.70
CA ILE A 153 -6.72 -19.30 -19.82
C ILE A 153 -5.76 -18.16 -19.46
N VAL A 154 -6.20 -16.91 -19.68
CA VAL A 154 -5.44 -15.70 -19.33
C VAL A 154 -6.01 -15.26 -17.98
N VAL A 155 -5.36 -15.72 -16.90
CA VAL A 155 -5.81 -15.45 -15.54
C VAL A 155 -5.46 -14.01 -15.17
N VAL A 156 -6.46 -13.26 -14.65
CA VAL A 156 -6.29 -11.88 -14.22
C VAL A 156 -6.62 -11.77 -12.73
N SER A 157 -5.69 -11.19 -11.98
CA SER A 157 -5.85 -10.92 -10.55
C SER A 157 -5.71 -9.43 -10.30
N ARG A 158 -6.20 -8.97 -9.15
CA ARG A 158 -6.00 -7.60 -8.73
C ARG A 158 -4.64 -7.46 -8.07
N GLU A 159 -4.19 -6.21 -7.90
CA GLU A 159 -2.95 -5.90 -7.21
C GLU A 159 -3.07 -6.23 -5.72
N ASP A 160 -1.91 -6.52 -5.06
CA ASP A 160 -1.86 -6.75 -3.61
C ASP A 160 -2.35 -5.48 -2.94
N GLY A 161 -3.20 -5.63 -1.94
CA GLY A 161 -3.81 -4.48 -1.28
C GLY A 161 -5.29 -4.36 -1.61
N SER A 162 -5.73 -5.00 -2.71
CA SER A 162 -7.15 -5.01 -3.10
C SER A 162 -7.97 -5.84 -2.12
N GLY A 163 -9.07 -5.25 -1.63
CA GLY A 163 -10.01 -5.94 -0.76
C GLY A 163 -10.69 -7.07 -1.49
N THR A 164 -10.99 -6.84 -2.79
CA THR A 164 -11.64 -7.84 -3.65
C THR A 164 -10.71 -9.07 -3.76
N ARG A 165 -9.41 -8.85 -3.99
CA ARG A 165 -8.46 -9.97 -4.07
C ARG A 165 -8.43 -10.76 -2.75
N ASP A 166 -8.34 -10.08 -1.59
CA ASP A 166 -8.27 -10.78 -0.30
C ASP A 166 -9.54 -11.61 -0.02
N ALA A 167 -10.73 -11.03 -0.25
CA ALA A 167 -12.00 -11.74 -0.03
C ALA A 167 -12.15 -12.92 -0.99
N PHE A 168 -11.77 -12.73 -2.25
CA PHE A 168 -11.82 -13.77 -3.30
C PHE A 168 -10.93 -14.96 -2.92
N GLN A 169 -9.68 -14.71 -2.56
CA GLN A 169 -8.75 -15.78 -2.19
C GLN A 169 -9.25 -16.57 -0.97
N GLU A 170 -9.81 -15.85 0.03
CA GLU A 170 -10.32 -16.49 1.24
C GLU A 170 -11.48 -17.44 0.95
N ILE A 171 -12.45 -16.99 0.13
CA ILE A 171 -13.67 -17.77 -0.14
C ILE A 171 -13.38 -18.91 -1.14
N VAL A 172 -12.64 -18.60 -2.20
CA VAL A 172 -12.29 -19.62 -3.22
C VAL A 172 -11.37 -20.68 -2.58
N GLY A 173 -10.51 -20.26 -1.65
CA GLY A 173 -9.70 -21.18 -0.86
C GLY A 173 -8.26 -21.42 -1.29
N PHE A 174 -7.53 -20.35 -1.59
CA PHE A 174 -6.11 -20.45 -1.91
C PHE A 174 -5.38 -19.25 -1.37
N LYS A 175 -4.11 -19.43 -1.06
CA LYS A 175 -3.23 -18.39 -0.52
C LYS A 175 -2.57 -17.61 -1.65
N ALA A 176 -2.11 -16.36 -1.38
CA ALA A 176 -1.43 -15.54 -2.40
C ALA A 176 -0.29 -16.31 -3.09
N GLU A 177 0.47 -17.10 -2.30
CA GLU A 177 1.63 -17.89 -2.71
C GLU A 177 1.30 -18.93 -3.77
N GLU A 178 0.04 -19.40 -3.79
CA GLU A 178 -0.46 -20.43 -4.69
C GLU A 178 -0.99 -19.86 -6.01
N LEU A 179 -1.08 -18.52 -6.14
CA LEU A 179 -1.57 -17.90 -7.38
C LEU A 179 -0.64 -18.26 -8.54
N THR A 180 -1.23 -18.67 -9.68
CA THR A 180 -0.46 -19.06 -10.87
C THR A 180 0.52 -17.94 -11.25
N VAL A 181 1.75 -18.33 -11.60
CA VAL A 181 2.80 -17.37 -11.98
C VAL A 181 2.44 -16.70 -13.31
N ASN A 182 1.55 -17.31 -14.10
CA ASN A 182 1.14 -16.73 -15.38
C ASN A 182 0.04 -15.67 -15.20
N SER A 183 -0.44 -15.41 -13.97
CA SER A 183 -1.49 -14.41 -13.76
C SER A 183 -1.05 -13.00 -14.14
N GLN A 184 -1.97 -12.28 -14.78
CA GLN A 184 -1.85 -10.86 -15.10
C GLN A 184 -2.25 -10.11 -13.84
N ILE A 185 -1.61 -8.99 -13.54
CA ILE A 185 -2.01 -8.18 -12.40
C ILE A 185 -2.63 -6.88 -12.95
N SER A 186 -3.87 -6.59 -12.58
CA SER A 186 -4.57 -5.36 -12.99
C SER A 186 -4.78 -4.44 -11.77
N ASP A 187 -4.37 -3.20 -11.89
CA ASP A 187 -4.44 -2.21 -10.82
C ASP A 187 -5.80 -1.52 -10.82
N GLY A 188 -6.67 -1.96 -9.90
CA GLY A 188 -8.00 -1.38 -9.72
C GLY A 188 -9.09 -2.11 -10.49
N SER A 189 -10.33 -1.95 -10.02
CA SER A 189 -11.52 -2.55 -10.63
C SER A 189 -11.66 -2.17 -12.12
N GLY A 190 -11.47 -0.88 -12.45
CA GLY A 190 -11.57 -0.43 -13.84
C GLY A 190 -10.63 -1.16 -14.79
N ASN A 191 -9.38 -1.38 -14.36
CA ASN A 191 -8.38 -2.05 -15.20
C ASN A 191 -8.65 -3.55 -15.36
N ILE A 192 -9.15 -4.23 -14.31
CA ILE A 192 -9.45 -5.66 -14.51
C ILE A 192 -10.63 -5.80 -15.52
N LYS A 193 -11.63 -4.91 -15.47
CA LYS A 193 -12.74 -4.93 -16.44
C LYS A 193 -12.20 -4.68 -17.86
N SER A 194 -11.32 -3.68 -18.03
CA SER A 194 -10.74 -3.35 -19.35
C SER A 194 -9.94 -4.52 -19.93
N LEU A 195 -9.15 -5.21 -19.08
CA LEU A 195 -8.34 -6.33 -19.58
C LEU A 195 -9.24 -7.46 -20.09
N VAL A 196 -10.29 -7.80 -19.32
CA VAL A 196 -11.21 -8.87 -19.70
C VAL A 196 -11.96 -8.48 -20.97
N GLN A 197 -12.43 -7.21 -21.06
CA GLN A 197 -13.08 -6.71 -22.27
C GLN A 197 -12.24 -6.90 -23.54
N GLY A 198 -10.93 -6.74 -23.41
CA GLY A 198 -10.04 -6.78 -24.57
C GLY A 198 -9.35 -8.09 -24.87
N ASN A 199 -9.61 -9.15 -24.09
CA ASN A 199 -8.93 -10.42 -24.31
C ASN A 199 -9.95 -11.58 -24.26
N GLU A 200 -10.20 -12.24 -25.41
CA GLU A 200 -11.22 -13.29 -25.48
C GLU A 200 -10.96 -14.48 -24.55
N ASN A 201 -9.70 -14.70 -24.12
CA ASN A 201 -9.35 -15.83 -23.27
C ASN A 201 -9.18 -15.47 -21.80
N ALA A 202 -9.52 -14.24 -21.42
CA ALA A 202 -9.30 -13.80 -20.04
C ALA A 202 -10.43 -14.14 -19.08
N ILE A 203 -10.05 -14.22 -17.78
CA ILE A 203 -10.99 -14.37 -16.66
C ILE A 203 -10.48 -13.45 -15.55
N GLY A 204 -11.40 -12.73 -14.91
CA GLY A 204 -11.08 -11.85 -13.81
C GLY A 204 -12.19 -11.85 -12.78
N TYR A 205 -11.99 -11.10 -11.68
CA TYR A 205 -13.01 -11.00 -10.64
C TYR A 205 -13.27 -9.53 -10.33
N ILE A 206 -14.54 -9.17 -10.10
CA ILE A 206 -14.91 -7.78 -9.90
C ILE A 206 -16.23 -7.63 -9.15
N SER A 207 -16.42 -6.49 -8.49
CA SER A 207 -17.70 -6.17 -7.86
C SER A 207 -18.84 -6.25 -8.88
N PHE A 208 -20.02 -6.75 -8.47
CA PHE A 208 -21.22 -6.80 -9.31
C PHE A 208 -21.60 -5.45 -9.85
N SER A 209 -21.26 -4.40 -9.12
CA SER A 209 -21.60 -3.04 -9.53
C SER A 209 -20.89 -2.59 -10.82
N TYR A 210 -19.79 -3.27 -11.21
CA TYR A 210 -19.05 -2.98 -12.44
C TYR A 210 -19.49 -3.87 -13.62
N VAL A 211 -20.33 -4.88 -13.36
CA VAL A 211 -20.75 -5.81 -14.42
C VAL A 211 -21.81 -5.15 -15.32
N ASP A 212 -21.58 -5.18 -16.63
CA ASP A 212 -22.52 -4.67 -17.61
C ASP A 212 -22.47 -5.59 -18.84
N ASP A 213 -23.14 -5.18 -19.93
CA ASP A 213 -23.20 -5.99 -21.16
C ASP A 213 -21.87 -6.15 -21.89
N SER A 214 -20.80 -5.42 -21.49
CA SER A 214 -19.52 -5.50 -22.19
C SER A 214 -18.73 -6.75 -21.78
N VAL A 215 -19.10 -7.39 -20.67
CA VAL A 215 -18.45 -8.60 -20.16
C VAL A 215 -19.53 -9.62 -19.78
N SER A 216 -19.14 -10.86 -19.45
CA SER A 216 -20.12 -11.85 -19.00
C SER A 216 -19.70 -12.42 -17.65
N ALA A 217 -20.60 -12.36 -16.63
CA ALA A 217 -20.37 -12.99 -15.34
C ALA A 217 -20.81 -14.44 -15.44
N VAL A 218 -19.98 -15.38 -15.01
CA VAL A 218 -20.39 -16.78 -15.06
C VAL A 218 -21.33 -17.09 -13.90
N LYS A 219 -22.12 -18.17 -14.03
CA LYS A 219 -22.89 -18.70 -12.93
C LYS A 219 -21.90 -19.52 -12.11
N VAL A 220 -21.98 -19.46 -10.77
CA VAL A 220 -21.03 -20.19 -9.91
C VAL A 220 -21.81 -21.32 -9.24
N ASP A 221 -21.42 -22.60 -9.53
CA ASP A 221 -22.13 -23.79 -8.98
C ASP A 221 -23.64 -23.67 -9.28
N GLY A 222 -23.94 -23.24 -10.51
CA GLY A 222 -25.30 -23.08 -11.05
C GLY A 222 -26.06 -21.85 -10.60
N VAL A 223 -25.43 -20.98 -9.79
CA VAL A 223 -26.08 -19.81 -9.19
C VAL A 223 -25.69 -18.54 -9.92
N GLU A 224 -26.70 -17.79 -10.37
CA GLU A 224 -26.48 -16.52 -11.05
C GLU A 224 -25.94 -15.46 -10.08
N ALA A 225 -25.02 -14.66 -10.57
CA ALA A 225 -24.35 -13.62 -9.83
C ALA A 225 -25.30 -12.39 -9.69
N THR A 226 -26.26 -12.49 -8.74
CA THR A 226 -27.24 -11.43 -8.52
C THR A 226 -27.28 -10.97 -7.07
N PRO A 227 -27.72 -9.72 -6.78
CA PRO A 227 -27.89 -9.31 -5.37
C PRO A 227 -28.83 -10.22 -4.58
N GLU A 228 -29.93 -10.71 -5.22
CA GLU A 228 -30.85 -11.63 -4.56
C GLU A 228 -30.11 -12.87 -4.03
N ASN A 229 -29.22 -13.45 -4.87
CA ASN A 229 -28.52 -14.69 -4.51
C ASN A 229 -27.37 -14.44 -3.52
N VAL A 230 -26.87 -13.19 -3.44
CA VAL A 230 -25.89 -12.86 -2.39
C VAL A 230 -26.65 -12.82 -1.05
N LEU A 231 -27.81 -12.13 -1.04
CA LEU A 231 -28.61 -11.97 0.17
C LEU A 231 -29.13 -13.33 0.70
N ASN A 232 -29.58 -14.25 -0.18
CA ASN A 232 -30.09 -15.54 0.31
C ASN A 232 -28.92 -16.54 0.58
N LYS A 233 -27.65 -16.09 0.37
CA LYS A 233 -26.40 -16.80 0.65
C LYS A 233 -26.09 -17.98 -0.30
N SER A 234 -26.84 -18.11 -1.41
CA SER A 234 -26.53 -19.18 -2.37
C SER A 234 -25.29 -18.82 -3.22
N TYR A 235 -25.06 -17.53 -3.43
CA TYR A 235 -23.87 -17.04 -4.17
C TYR A 235 -22.82 -16.74 -3.10
N LYS A 236 -21.84 -17.61 -2.95
CA LYS A 236 -20.89 -17.57 -1.84
C LYS A 236 -19.80 -16.49 -1.91
N VAL A 237 -19.47 -15.99 -3.10
CA VAL A 237 -18.34 -15.03 -3.23
C VAL A 237 -18.89 -13.61 -3.01
N SER A 238 -18.81 -13.13 -1.78
CA SER A 238 -19.36 -11.81 -1.41
C SER A 238 -18.63 -11.24 -0.23
N ARG A 239 -18.86 -9.96 0.04
CA ARG A 239 -18.18 -9.27 1.12
C ARG A 239 -18.91 -7.97 1.49
N PRO A 240 -18.63 -7.42 2.67
CA PRO A 240 -19.24 -6.13 2.99
C PRO A 240 -18.51 -4.96 2.33
N PHE A 241 -19.22 -3.83 2.24
CA PHE A 241 -18.66 -2.53 1.98
C PHE A 241 -18.66 -1.80 3.32
N LEU A 242 -17.48 -1.37 3.79
CA LEU A 242 -17.39 -0.72 5.10
C LEU A 242 -16.85 0.68 5.02
N ALA A 243 -17.39 1.58 5.88
CA ALA A 243 -16.81 2.90 6.10
C ALA A 243 -16.15 2.77 7.45
N VAL A 244 -14.83 3.04 7.54
CA VAL A 244 -14.11 2.86 8.78
C VAL A 244 -13.53 4.20 9.22
N TYR A 245 -13.45 4.43 10.54
CA TYR A 245 -12.92 5.70 11.01
C TYR A 245 -12.49 5.62 12.47
N LYS A 246 -11.64 6.58 12.88
CA LYS A 246 -11.28 6.72 14.29
C LYS A 246 -12.33 7.65 14.90
N GLU A 247 -12.96 7.25 16.02
CA GLU A 247 -13.98 8.05 16.71
C GLU A 247 -13.53 9.51 16.96
N GLU A 248 -12.23 9.72 17.29
CA GLU A 248 -11.67 11.04 17.58
C GLU A 248 -11.52 11.94 16.34
N ASN A 249 -11.53 11.35 15.13
CA ASN A 249 -11.37 12.12 13.88
C ASN A 249 -12.69 12.42 13.18
N LEU A 250 -13.76 11.65 13.45
CA LEU A 250 -15.00 11.83 12.71
C LEU A 250 -15.73 13.11 13.11
N THR A 251 -15.91 14.00 12.12
CA THR A 251 -16.57 15.29 12.32
C THR A 251 -18.09 15.14 12.23
N GLU A 252 -18.82 16.21 12.63
CA GLU A 252 -20.28 16.26 12.52
C GLU A 252 -20.66 16.07 11.05
N SER A 253 -19.87 16.69 10.12
CA SER A 253 -20.08 16.55 8.67
C SER A 253 -19.86 15.10 8.18
N GLY A 254 -18.81 14.44 8.66
CA GLY A 254 -18.54 13.04 8.31
C GLY A 254 -19.63 12.12 8.82
N LYS A 255 -20.05 12.35 10.09
CA LYS A 255 -21.13 11.58 10.72
C LYS A 255 -22.45 11.77 9.93
N SER A 256 -22.75 13.01 9.50
CA SER A 256 -23.98 13.30 8.73
C SER A 256 -23.99 12.54 7.40
N PHE A 257 -22.81 12.44 6.74
CA PHE A 257 -22.71 11.71 5.47
C PHE A 257 -22.94 10.21 5.66
N ILE A 258 -22.32 9.60 6.67
CA ILE A 258 -22.54 8.16 6.94
C ILE A 258 -24.04 7.93 7.22
N ASP A 259 -24.66 8.77 8.08
CA ASP A 259 -26.08 8.65 8.39
C ASP A 259 -26.94 8.73 7.12
N PHE A 260 -26.56 9.62 6.17
CA PHE A 260 -27.31 9.74 4.92
C PHE A 260 -27.21 8.43 4.12
N ILE A 261 -25.99 7.84 4.03
CA ILE A 261 -25.81 6.58 3.29
C ILE A 261 -26.71 5.46 3.87
N LEU A 262 -26.89 5.44 5.20
CA LEU A 262 -27.68 4.40 5.87
C LEU A 262 -29.18 4.67 5.86
N SER A 263 -29.59 5.88 5.47
CA SER A 263 -31.01 6.25 5.44
C SER A 263 -31.70 5.55 4.28
N GLU A 264 -33.06 5.63 4.23
CA GLU A 264 -33.82 5.03 3.12
C GLU A 264 -33.33 5.57 1.77
N GLU A 265 -33.11 6.90 1.68
CA GLU A 265 -32.62 7.49 0.43
C GLU A 265 -31.20 6.99 0.08
N GLY A 266 -30.35 6.88 1.10
CA GLY A 266 -28.98 6.39 0.91
C GLY A 266 -28.96 4.94 0.45
N GLN A 267 -29.85 4.12 1.01
CA GLN A 267 -29.91 2.71 0.67
C GLN A 267 -30.55 2.48 -0.70
N ASP A 268 -31.45 3.41 -1.16
CA ASP A 268 -31.99 3.32 -2.52
C ASP A 268 -30.84 3.50 -3.54
N ILE A 269 -29.88 4.38 -3.22
CA ILE A 269 -28.73 4.62 -4.09
C ILE A 269 -27.84 3.33 -4.13
N VAL A 270 -27.66 2.68 -2.99
CA VAL A 270 -26.91 1.43 -2.88
C VAL A 270 -27.56 0.35 -3.83
N ALA A 271 -28.90 0.17 -3.77
CA ALA A 271 -29.58 -0.82 -4.62
C ALA A 271 -29.42 -0.52 -6.11
N LYS A 272 -29.44 0.79 -6.49
CA LYS A 272 -29.34 1.20 -7.90
C LYS A 272 -27.97 0.87 -8.48
N GLU A 273 -26.95 0.67 -7.61
CA GLU A 273 -25.58 0.35 -8.02
C GLU A 273 -25.35 -1.17 -8.04
N HIS A 274 -26.43 -2.01 -8.05
CA HIS A 274 -26.39 -3.48 -8.07
C HIS A 274 -25.72 -4.02 -6.81
N LEU A 275 -25.94 -3.32 -5.70
CA LEU A 275 -25.44 -3.73 -4.40
C LEU A 275 -26.58 -4.26 -3.56
N ILE A 276 -26.23 -4.86 -2.41
CA ILE A 276 -27.21 -5.41 -1.47
C ILE A 276 -27.35 -4.41 -0.30
N LYS A 277 -28.60 -3.96 -0.03
CA LYS A 277 -28.88 -3.02 1.07
C LYS A 277 -28.53 -3.70 2.41
N VAL A 278 -28.08 -2.91 3.42
CA VAL A 278 -27.75 -3.48 4.73
C VAL A 278 -29.01 -4.17 5.30
N LYS A 279 -28.88 -5.47 5.62
CA LYS A 279 -29.93 -6.35 6.16
C LYS A 279 -30.13 -6.14 7.67
N ASN B 37 -4.72 26.95 6.83
CA ASN B 37 -3.33 26.84 6.39
C ASN B 37 -2.71 25.57 6.96
N SER B 38 -3.06 24.39 6.38
N SER B 38 -3.05 24.44 6.36
CA SER B 38 -2.59 23.05 6.80
CA SER B 38 -2.55 23.12 6.71
C SER B 38 -2.00 22.24 5.63
C SER B 38 -1.82 22.54 5.51
N VAL B 39 -0.73 21.83 5.76
CA VAL B 39 0.03 21.11 4.74
C VAL B 39 0.04 19.65 5.14
N SER B 40 -0.56 18.78 4.31
CA SER B 40 -0.61 17.34 4.60
C SER B 40 0.52 16.62 3.94
N ILE B 41 1.23 15.80 4.72
CA ILE B 41 2.39 15.06 4.20
C ILE B 41 2.33 13.62 4.64
N SER B 42 2.59 12.68 3.73
CA SER B 42 2.60 11.27 4.16
C SER B 42 3.64 10.50 3.41
N GLY B 43 4.13 9.40 3.99
CA GLY B 43 5.13 8.64 3.29
C GLY B 43 6.18 7.98 4.16
N SER B 44 7.41 8.03 3.67
CA SER B 44 8.52 7.23 4.17
C SER B 44 8.72 7.36 5.67
N THR B 45 8.96 6.22 6.33
CA THR B 45 9.44 6.17 7.70
C THR B 45 10.88 6.70 7.85
N SER B 46 11.71 6.44 6.86
CA SER B 46 13.10 6.91 6.89
C SER B 46 13.17 8.45 6.98
N VAL B 47 12.29 9.14 6.22
CA VAL B 47 12.24 10.62 6.12
C VAL B 47 11.50 11.25 7.32
N GLY B 48 10.56 10.51 7.90
CA GLY B 48 9.73 10.99 9.01
C GLY B 48 10.42 11.89 10.03
N PRO B 49 11.51 11.40 10.71
CA PRO B 49 12.16 12.23 11.74
C PRO B 49 12.78 13.54 11.25
N VAL B 50 13.51 13.54 10.10
CA VAL B 50 14.05 14.82 9.61
C VAL B 50 12.88 15.74 9.21
N MSE B 51 11.78 15.18 8.63
N MSE B 51 11.78 15.16 8.68
CA MSE B 51 10.64 16.02 8.23
CA MSE B 51 10.59 15.94 8.30
C MSE B 51 10.01 16.68 9.47
C MSE B 51 10.00 16.66 9.47
O MSE B 51 9.65 17.86 9.39
O MSE B 51 9.65 17.83 9.38
CB MSE B 51 9.60 15.19 7.44
CB MSE B 51 9.55 15.05 7.62
CG MSE B 51 8.57 16.05 6.68
CG MSE B 51 9.81 14.86 6.16
SE MSE B 51 9.22 17.23 5.26
SE MSE B 51 10.02 16.52 5.17
CE MSE B 51 10.53 16.11 4.53
CE MSE B 51 11.88 16.88 5.48
N GLU B 52 9.91 15.96 10.60
CA GLU B 52 9.37 16.51 11.86
C GLU B 52 10.31 17.61 12.39
N ALA B 53 11.65 17.43 12.28
CA ALA B 53 12.64 18.45 12.72
C ALA B 53 12.53 19.71 11.84
N GLU B 54 12.33 19.52 10.53
CA GLU B 54 12.14 20.62 9.57
C GLU B 54 10.85 21.38 9.89
N ALA B 55 9.75 20.63 10.15
CA ALA B 55 8.43 21.22 10.48
C ALA B 55 8.50 22.05 11.75
N GLU B 56 9.24 21.56 12.76
CA GLU B 56 9.38 22.27 14.04
C GLU B 56 10.05 23.63 13.86
N ALA B 57 11.12 23.69 13.05
CA ALA B 57 11.87 24.91 12.78
C ALA B 57 11.08 25.86 11.88
N PHE B 58 10.39 25.31 10.87
CA PHE B 58 9.58 26.13 9.96
C PHE B 58 8.42 26.80 10.69
N LYS B 59 7.84 26.12 11.69
CA LYS B 59 6.69 26.69 12.39
C LYS B 59 7.07 27.95 13.18
N THR B 60 8.36 28.08 13.54
CA THR B 60 8.83 29.27 14.27
C THR B 60 8.84 30.46 13.29
N LYS B 61 9.15 30.18 12.01
CA LYS B 61 9.21 31.19 10.94
C LYS B 61 7.82 31.53 10.41
N LYS B 62 6.92 30.52 10.34
CA LYS B 62 5.56 30.68 9.81
C LYS B 62 4.54 30.13 10.81
N PRO B 63 4.22 30.91 11.88
CA PRO B 63 3.34 30.40 12.93
C PRO B 63 1.91 30.05 12.53
N ASP B 64 1.38 30.63 11.44
CA ASP B 64 0.02 30.34 11.00
C ASP B 64 -0.08 29.07 10.14
N VAL B 65 1.05 28.40 9.83
CA VAL B 65 1.04 27.18 9.02
C VAL B 65 1.11 25.95 9.93
N SER B 66 0.25 24.98 9.65
CA SER B 66 0.23 23.71 10.34
C SER B 66 0.75 22.66 9.36
N ILE B 67 1.59 21.75 9.83
CA ILE B 67 2.11 20.67 8.99
C ILE B 67 1.80 19.33 9.69
N GLU B 68 1.09 18.45 9.00
CA GLU B 68 0.72 17.14 9.55
C GLU B 68 1.45 16.06 8.80
N ILE B 69 2.33 15.32 9.50
CA ILE B 69 3.16 14.29 8.87
C ILE B 69 2.77 12.91 9.36
N ASN B 70 2.49 11.97 8.41
CA ASN B 70 2.13 10.62 8.79
C ASN B 70 3.05 9.64 8.10
N GLN B 71 3.63 8.72 8.88
CA GLN B 71 4.63 7.75 8.39
C GLN B 71 3.94 6.44 8.03
N ILE B 72 3.88 6.14 6.72
CA ILE B 72 3.18 4.96 6.17
C ILE B 72 4.01 4.21 5.11
N GLY B 73 5.27 4.59 4.92
CA GLY B 73 6.11 3.97 3.90
C GLY B 73 6.10 4.75 2.61
N SER B 74 7.18 4.64 1.83
CA SER B 74 7.36 5.37 0.58
C SER B 74 6.27 5.11 -0.48
N SER B 75 5.96 3.83 -0.77
N SER B 75 5.97 3.83 -0.77
CA SER B 75 4.99 3.54 -1.83
CA SER B 75 4.98 3.53 -1.82
C SER B 75 3.62 4.17 -1.56
C SER B 75 3.64 4.21 -1.55
N ALA B 76 3.15 4.12 -0.30
CA ALA B 76 1.84 4.69 0.07
C ALA B 76 1.89 6.22 0.04
N GLY B 77 3.04 6.81 0.42
CA GLY B 77 3.17 8.26 0.36
C GLY B 77 3.13 8.78 -1.06
N ILE B 78 3.83 8.08 -1.97
CA ILE B 78 3.84 8.47 -3.40
C ILE B 78 2.43 8.33 -3.95
N LYS B 79 1.73 7.22 -3.63
CA LYS B 79 0.35 7.01 -4.11
C LYS B 79 -0.57 8.11 -3.59
N ASN B 80 -0.44 8.46 -2.30
CA ASN B 80 -1.30 9.54 -1.74
C ASN B 80 -1.04 10.87 -2.45
N ALA B 81 0.22 11.19 -2.75
CA ALA B 81 0.56 12.44 -3.47
C ALA B 81 -0.03 12.44 -4.87
N MSE B 82 0.06 11.30 -5.60
N MSE B 82 0.08 11.32 -5.60
CA MSE B 82 -0.46 11.11 -6.96
CA MSE B 82 -0.51 11.21 -6.93
C MSE B 82 -1.97 11.33 -7.06
C MSE B 82 -1.97 11.56 -6.94
O MSE B 82 -2.46 11.79 -8.08
O MSE B 82 -2.43 12.35 -7.76
CB MSE B 82 -0.17 9.69 -7.45
CB MSE B 82 -0.45 9.76 -7.41
CG MSE B 82 1.26 9.46 -7.87
CG MSE B 82 0.79 9.39 -8.06
SE MSE B 82 1.59 7.58 -8.25
SE MSE B 82 0.33 7.67 -8.70
CE MSE B 82 0.05 7.23 -9.53
CE MSE B 82 1.97 6.79 -8.25
N GLU B 83 -2.71 10.92 -6.00
CA GLU B 83 -4.16 11.02 -5.93
C GLU B 83 -4.68 12.31 -5.26
N GLY B 84 -3.81 13.08 -4.63
CA GLY B 84 -4.23 14.31 -3.97
C GLY B 84 -4.72 14.09 -2.55
N VAL B 85 -4.50 12.87 -2.00
CA VAL B 85 -4.83 12.51 -0.62
C VAL B 85 -3.89 13.29 0.32
N SER B 86 -2.62 13.39 -0.07
CA SER B 86 -1.58 14.18 0.60
C SER B 86 -1.11 15.26 -0.35
N GLU B 87 -0.83 16.46 0.19
CA GLU B 87 -0.31 17.57 -0.63
C GLU B 87 1.13 17.24 -1.04
N ILE B 88 1.89 16.65 -0.11
CA ILE B 88 3.27 16.25 -0.37
C ILE B 88 3.47 14.80 0.07
N GLY B 89 4.10 14.00 -0.78
CA GLY B 89 4.49 12.64 -0.45
C GLY B 89 5.97 12.59 -0.13
N MSE B 90 6.35 11.76 0.86
N MSE B 90 6.37 11.76 0.87
CA MSE B 90 7.77 11.56 1.20
CA MSE B 90 7.78 11.57 1.23
C MSE B 90 8.21 10.22 0.68
C MSE B 90 8.25 10.22 0.75
O MSE B 90 7.51 9.23 0.92
O MSE B 90 7.60 9.22 1.08
CB MSE B 90 8.02 11.59 2.73
CB MSE B 90 8.00 11.68 2.77
CG MSE B 90 7.68 12.87 3.43
CG MSE B 90 7.62 13.03 3.34
SE MSE B 90 7.81 12.52 5.43
SE MSE B 90 8.54 14.48 2.29
CE MSE B 90 6.54 11.15 5.83
CE MSE B 90 7.78 16.11 2.98
N ALA B 91 9.36 10.17 -0.01
CA ALA B 91 9.89 8.89 -0.53
C ALA B 91 11.36 8.78 -0.19
N SER B 92 11.81 7.56 0.13
CA SER B 92 13.24 7.33 0.45
C SER B 92 13.90 6.49 -0.66
N ARG B 93 13.48 6.72 -1.89
CA ARG B 93 14.00 6.05 -3.08
C ARG B 93 13.58 6.87 -4.28
N ASP B 94 14.26 6.63 -5.42
CA ASP B 94 13.80 7.23 -6.66
C ASP B 94 12.45 6.64 -7.02
N LEU B 95 11.65 7.38 -7.78
CA LEU B 95 10.35 6.89 -8.21
C LEU B 95 10.51 5.76 -9.21
N LYS B 96 9.69 4.73 -9.05
CA LYS B 96 9.68 3.58 -9.95
C LYS B 96 9.14 4.03 -11.29
N GLY B 97 9.44 3.27 -12.34
CA GLY B 97 8.96 3.59 -13.67
C GLY B 97 7.45 3.81 -13.74
N GLU B 98 6.67 2.88 -13.18
CA GLU B 98 5.20 3.00 -13.19
C GLU B 98 4.73 4.30 -12.47
N GLU B 99 5.46 4.78 -11.43
CA GLU B 99 5.10 6.01 -10.68
C GLU B 99 5.46 7.27 -11.46
N LYS B 100 6.43 7.15 -12.39
CA LYS B 100 6.88 8.29 -13.21
C LYS B 100 5.81 8.76 -14.21
N GLN B 101 4.81 7.89 -14.52
CA GLN B 101 3.71 8.21 -15.45
C GLN B 101 2.80 9.32 -14.89
N ALA B 102 2.72 9.48 -13.56
CA ALA B 102 1.85 10.46 -12.90
C ALA B 102 2.24 11.92 -13.15
N GLY B 103 3.51 12.18 -13.46
CA GLY B 103 3.97 13.54 -13.68
C GLY B 103 4.16 14.34 -12.40
N LEU B 104 4.42 13.64 -11.29
CA LEU B 104 4.72 14.33 -10.03
C LEU B 104 6.00 15.17 -10.16
N LYS B 105 6.05 16.33 -9.49
CA LYS B 105 7.28 17.10 -9.38
C LYS B 105 8.10 16.42 -8.29
N GLU B 106 9.43 16.29 -8.45
CA GLU B 106 10.27 15.65 -7.42
C GLU B 106 11.33 16.62 -6.93
N VAL B 107 11.47 16.75 -5.61
CA VAL B 107 12.46 17.62 -5.02
C VAL B 107 13.34 16.80 -4.10
N GLU B 108 14.66 16.76 -4.40
CA GLU B 108 15.61 16.07 -3.51
C GLU B 108 15.84 16.96 -2.29
N ILE B 109 15.64 16.41 -1.09
CA ILE B 109 15.84 17.21 0.13
C ILE B 109 17.09 16.73 0.92
N ALA B 110 17.57 15.51 0.63
CA ALA B 110 18.75 14.91 1.27
C ALA B 110 19.11 13.63 0.54
N TYR B 111 20.27 13.07 0.92
CA TYR B 111 20.63 11.70 0.55
C TYR B 111 20.81 10.93 1.87
N ASP B 112 20.66 9.62 1.81
CA ASP B 112 20.75 8.80 3.01
C ASP B 112 21.37 7.46 2.71
N GLY B 113 22.25 7.03 3.60
CA GLY B 113 22.83 5.70 3.48
C GLY B 113 21.95 4.70 4.20
N ILE B 114 21.92 3.46 3.72
CA ILE B 114 21.21 2.35 4.36
C ILE B 114 22.25 1.50 5.08
N ALA B 115 22.20 1.49 6.41
CA ALA B 115 23.11 0.69 7.23
C ALA B 115 22.59 -0.74 7.35
N LEU B 116 23.50 -1.69 7.44
CA LEU B 116 23.21 -3.09 7.76
C LEU B 116 23.50 -3.23 9.24
N ILE B 117 22.46 -3.37 10.06
CA ILE B 117 22.62 -3.38 11.51
C ILE B 117 22.50 -4.78 12.10
N THR B 118 23.33 -5.03 13.12
CA THR B 118 23.33 -6.24 13.93
C THR B 118 23.12 -5.86 15.38
N HIS B 119 22.90 -6.88 16.23
CA HIS B 119 22.84 -6.67 17.67
C HIS B 119 24.23 -6.15 18.09
N LYS B 120 24.31 -5.31 19.11
CA LYS B 120 25.60 -4.74 19.53
C LYS B 120 26.60 -5.80 20.02
N ASN B 121 26.13 -7.02 20.37
CA ASN B 121 27.00 -8.07 20.88
C ASN B 121 27.53 -8.98 19.77
N ASN B 122 27.14 -8.76 18.52
CA ASN B 122 27.61 -9.61 17.43
C ASN B 122 29.10 -9.34 17.15
N PRO B 123 29.97 -10.39 17.16
CA PRO B 123 31.40 -10.16 16.88
C PRO B 123 31.70 -9.83 15.40
N VAL B 124 30.75 -10.09 14.47
CA VAL B 124 30.93 -9.80 13.04
C VAL B 124 30.69 -8.30 12.81
N LYS B 125 31.72 -7.59 12.32
CA LYS B 125 31.68 -6.15 12.10
C LYS B 125 31.81 -5.78 10.62
N ASP B 126 32.03 -6.78 9.75
CA ASP B 126 32.30 -6.59 8.35
C ASP B 126 31.57 -7.59 7.49
N LEU B 127 31.01 -7.10 6.38
CA LEU B 127 30.35 -7.93 5.35
C LEU B 127 30.63 -7.37 3.98
N THR B 128 30.78 -8.24 2.97
CA THR B 128 30.89 -7.78 1.58
C THR B 128 29.49 -7.65 1.03
N LEU B 129 29.30 -6.89 -0.07
CA LEU B 129 27.98 -6.79 -0.68
C LEU B 129 27.53 -8.16 -1.21
N VAL B 130 28.50 -8.99 -1.64
CA VAL B 130 28.21 -10.36 -2.10
C VAL B 130 27.69 -11.19 -0.92
N GLN B 131 28.34 -11.11 0.26
CA GLN B 131 27.87 -11.83 1.45
C GLN B 131 26.47 -11.36 1.87
N ILE B 132 26.18 -10.06 1.77
CA ILE B 132 24.87 -9.52 2.13
C ILE B 132 23.78 -10.15 1.23
N LYS B 133 24.04 -10.26 -0.08
CA LYS B 133 23.13 -10.92 -1.02
C LYS B 133 22.92 -12.40 -0.62
N ASP B 134 24.02 -13.11 -0.29
CA ASP B 134 23.95 -14.53 0.08
C ASP B 134 23.17 -14.73 1.40
N ILE B 135 23.26 -13.79 2.35
CA ILE B 135 22.48 -13.87 3.59
C ILE B 135 20.99 -13.70 3.26
N TYR B 136 20.67 -12.64 2.53
CA TYR B 136 19.30 -12.31 2.21
C TYR B 136 18.60 -13.33 1.31
N THR B 137 19.36 -14.08 0.51
CA THR B 137 18.76 -15.10 -0.36
C THR B 137 18.83 -16.50 0.29
N GLY B 138 19.36 -16.57 1.52
CA GLY B 138 19.42 -17.83 2.26
C GLY B 138 20.53 -18.80 1.85
N LYS B 139 21.58 -18.31 1.15
CA LYS B 139 22.72 -19.14 0.74
C LYS B 139 23.70 -19.28 1.92
N ILE B 140 23.74 -18.26 2.78
CA ILE B 140 24.51 -18.22 4.02
C ILE B 140 23.46 -18.21 5.13
N THR B 141 23.48 -19.22 6.02
CA THR B 141 22.42 -19.34 7.02
C THR B 141 22.90 -19.34 8.48
N ASN B 142 24.22 -19.37 8.70
CA ASN B 142 24.78 -19.40 10.04
C ASN B 142 25.95 -18.40 10.13
N TRP B 143 26.02 -17.63 11.23
CA TRP B 143 27.07 -16.62 11.43
C TRP B 143 28.47 -17.22 11.39
N LYS B 144 28.62 -18.55 11.63
CA LYS B 144 29.96 -19.16 11.58
C LYS B 144 30.59 -19.03 10.17
N GLU B 145 29.75 -18.98 9.12
CA GLU B 145 30.20 -18.86 7.72
C GLU B 145 30.85 -17.51 7.47
N LEU B 146 30.55 -16.53 8.34
CA LEU B 146 31.03 -15.16 8.26
C LEU B 146 32.09 -14.89 9.35
N GLY B 147 32.54 -15.95 10.02
CA GLY B 147 33.54 -15.95 11.07
C GLY B 147 33.02 -15.59 12.45
N GLY B 148 31.69 -15.55 12.60
CA GLY B 148 31.05 -15.23 13.88
C GLY B 148 30.68 -16.45 14.68
N ASN B 149 29.63 -16.32 15.50
CA ASN B 149 29.19 -17.41 16.36
C ASN B 149 28.55 -18.57 15.61
N ASP B 150 28.52 -19.75 16.23
CA ASP B 150 27.77 -20.89 15.69
C ASP B 150 26.30 -20.63 16.05
N ALA B 151 25.60 -19.91 15.17
CA ALA B 151 24.24 -19.50 15.42
C ALA B 151 23.53 -19.20 14.13
N PRO B 152 22.21 -19.42 14.07
CA PRO B 152 21.49 -19.12 12.83
C PRO B 152 21.42 -17.62 12.59
N ILE B 153 21.34 -17.22 11.33
CA ILE B 153 21.13 -15.81 11.00
C ILE B 153 19.63 -15.55 11.00
N VAL B 154 19.17 -14.55 11.79
CA VAL B 154 17.77 -14.14 11.85
C VAL B 154 17.67 -12.94 10.91
N VAL B 155 17.32 -13.21 9.65
CA VAL B 155 17.23 -12.18 8.61
C VAL B 155 15.96 -11.35 8.84
N VAL B 156 16.10 -10.02 8.82
CA VAL B 156 14.99 -9.08 9.00
C VAL B 156 14.89 -8.19 7.78
N SER B 157 13.68 -8.13 7.21
CA SER B 157 13.35 -7.29 6.07
C SER B 157 12.22 -6.35 6.45
N ARG B 158 12.06 -5.29 5.68
CA ARG B 158 10.94 -4.38 5.83
C ARG B 158 9.73 -4.92 5.10
N GLU B 159 8.55 -4.34 5.38
CA GLU B 159 7.31 -4.71 4.70
C GLU B 159 7.35 -4.26 3.24
N ASP B 160 6.57 -4.92 2.38
CA ASP B 160 6.43 -4.52 0.98
C ASP B 160 5.84 -3.10 0.95
N GLY B 161 6.39 -2.24 0.12
CA GLY B 161 5.99 -0.83 0.06
C GLY B 161 7.05 0.08 0.64
N SER B 162 7.99 -0.48 1.46
CA SER B 162 9.10 0.29 2.02
C SER B 162 10.08 0.71 0.92
N GLY B 163 10.41 2.01 0.88
CA GLY B 163 11.41 2.55 -0.05
C GLY B 163 12.78 1.97 0.24
N THR B 164 13.08 1.80 1.56
CA THR B 164 14.36 1.23 2.02
C THR B 164 14.50 -0.20 1.47
N ARG B 165 13.44 -1.01 1.58
CA ARG B 165 13.47 -2.38 1.04
C ARG B 165 13.73 -2.37 -0.47
N ASP B 166 13.02 -1.50 -1.22
CA ASP B 166 13.17 -1.46 -2.69
C ASP B 166 14.58 -1.06 -3.10
N ALA B 167 15.15 -0.02 -2.48
CA ALA B 167 16.52 0.44 -2.78
C ALA B 167 17.58 -0.61 -2.41
N PHE B 168 17.40 -1.25 -1.25
CA PHE B 168 18.29 -2.29 -0.73
C PHE B 168 18.34 -3.48 -1.71
N GLN B 169 17.16 -3.99 -2.11
CA GLN B 169 17.10 -5.14 -3.03
C GLN B 169 17.74 -4.81 -4.37
N GLU B 170 17.52 -3.60 -4.88
CA GLU B 170 18.09 -3.18 -6.17
C GLU B 170 19.61 -3.10 -6.12
N ILE B 171 20.16 -2.53 -5.03
CA ILE B 171 21.61 -2.34 -4.93
C ILE B 171 22.31 -3.66 -4.58
N VAL B 172 21.78 -4.42 -3.62
CA VAL B 172 22.37 -5.71 -3.21
C VAL B 172 22.25 -6.72 -4.37
N GLY B 173 21.16 -6.65 -5.13
CA GLY B 173 21.01 -7.45 -6.34
C GLY B 173 20.19 -8.71 -6.23
N PHE B 174 19.03 -8.62 -5.53
CA PHE B 174 18.10 -9.76 -5.46
C PHE B 174 16.67 -9.27 -5.60
N LYS B 175 15.81 -10.12 -6.17
CA LYS B 175 14.39 -9.84 -6.36
C LYS B 175 13.63 -10.24 -5.10
N ALA B 176 12.43 -9.66 -4.89
CA ALA B 176 11.59 -10.01 -3.73
C ALA B 176 11.38 -11.53 -3.59
N GLU B 177 11.15 -12.24 -4.73
CA GLU B 177 10.90 -13.70 -4.81
C GLU B 177 12.09 -14.56 -4.30
N GLU B 178 13.31 -13.98 -4.29
CA GLU B 178 14.55 -14.64 -3.87
C GLU B 178 14.82 -14.46 -2.36
N LEU B 179 14.06 -13.59 -1.68
CA LEU B 179 14.22 -13.37 -0.24
C LEU B 179 13.99 -14.67 0.52
N THR B 180 14.90 -15.00 1.45
CA THR B 180 14.79 -16.22 2.26
C THR B 180 13.42 -16.30 2.93
N VAL B 181 12.80 -17.48 2.90
CA VAL B 181 11.47 -17.69 3.51
C VAL B 181 11.54 -17.56 5.03
N ASN B 182 12.75 -17.67 5.61
CA ASN B 182 12.89 -17.53 7.06
C ASN B 182 12.97 -16.05 7.47
N SER B 183 12.93 -15.10 6.52
CA SER B 183 13.01 -13.67 6.90
C SER B 183 11.86 -13.22 7.75
N GLN B 184 12.20 -12.41 8.75
CA GLN B 184 11.23 -11.73 9.61
C GLN B 184 10.80 -10.48 8.85
N ILE B 185 9.54 -10.07 8.98
CA ILE B 185 9.08 -8.84 8.32
C ILE B 185 8.80 -7.83 9.44
N SER B 186 9.44 -6.67 9.38
CA SER B 186 9.21 -5.61 10.36
C SER B 186 8.52 -4.44 9.68
N ASP B 187 7.45 -3.93 10.30
CA ASP B 187 6.66 -2.84 9.73
C ASP B 187 7.22 -1.49 10.21
N GLY B 188 7.98 -0.83 9.34
CA GLY B 188 8.56 0.49 9.61
C GLY B 188 9.98 0.44 10.16
N SER B 189 10.70 1.55 9.99
CA SER B 189 12.08 1.72 10.47
C SER B 189 12.18 1.46 12.00
N GLY B 190 11.26 2.02 12.79
CA GLY B 190 11.29 1.81 14.24
C GLY B 190 11.25 0.35 14.65
N ASN B 191 10.39 -0.44 13.99
CA ASN B 191 10.24 -1.86 14.31
C ASN B 191 11.46 -2.69 13.89
N ILE B 192 12.10 -2.38 12.73
CA ILE B 192 13.27 -3.15 12.37
C ILE B 192 14.42 -2.88 13.40
N LYS B 193 14.56 -1.62 13.87
CA LYS B 193 15.57 -1.28 14.91
C LYS B 193 15.27 -2.07 16.19
N SER B 194 14.01 -2.08 16.63
CA SER B 194 13.60 -2.80 17.85
C SER B 194 13.85 -4.32 17.77
N LEU B 195 13.55 -4.92 16.61
CA LEU B 195 13.78 -6.37 16.46
C LEU B 195 15.27 -6.70 16.57
N VAL B 196 16.13 -5.92 15.90
CA VAL B 196 17.58 -6.16 15.94
C VAL B 196 18.11 -5.92 17.36
N GLN B 197 17.63 -4.86 18.05
CA GLN B 197 18.00 -4.60 19.44
C GLN B 197 17.71 -5.80 20.37
N GLY B 198 16.61 -6.50 20.11
CA GLY B 198 16.18 -7.60 20.99
C GLY B 198 16.54 -9.00 20.58
N ASN B 199 17.32 -9.18 19.48
CA ASN B 199 17.69 -10.53 19.04
C ASN B 199 19.19 -10.57 18.69
N GLU B 200 19.98 -11.29 19.48
CA GLU B 200 21.44 -11.31 19.28
C GLU B 200 21.88 -11.84 17.90
N ASN B 201 21.03 -12.64 17.24
CA ASN B 201 21.39 -13.23 15.95
C ASN B 201 20.77 -12.52 14.75
N ALA B 202 20.14 -11.37 14.97
CA ALA B 202 19.45 -10.67 13.87
C ALA B 202 20.34 -9.75 13.06
N ILE B 203 19.90 -9.52 11.80
CA ILE B 203 20.49 -8.54 10.88
C ILE B 203 19.33 -7.84 10.19
N GLY B 204 19.41 -6.52 10.05
CA GLY B 204 18.38 -5.75 9.38
C GLY B 204 18.99 -4.58 8.64
N TYR B 205 18.16 -3.82 7.91
CA TYR B 205 18.66 -2.65 7.19
C TYR B 205 17.82 -1.43 7.56
N ILE B 206 18.48 -0.27 7.70
CA ILE B 206 17.80 0.94 8.15
C ILE B 206 18.56 2.20 7.74
N SER B 207 17.84 3.33 7.66
CA SER B 207 18.47 4.63 7.43
C SER B 207 19.55 4.89 8.48
N PHE B 208 20.68 5.49 8.07
CA PHE B 208 21.75 5.90 9.01
C PHE B 208 21.23 6.78 10.13
N SER B 209 20.19 7.57 9.85
CA SER B 209 19.62 8.52 10.82
C SER B 209 19.03 7.81 12.06
N TYR B 210 18.75 6.50 11.97
CA TYR B 210 18.20 5.71 13.09
C TYR B 210 19.30 4.97 13.86
N VAL B 211 20.54 4.97 13.35
CA VAL B 211 21.63 4.22 13.97
C VAL B 211 22.15 4.96 15.21
N ASP B 212 22.24 4.23 16.33
CA ASP B 212 22.80 4.79 17.57
C ASP B 212 23.59 3.68 18.28
N ASP B 213 24.04 3.93 19.53
CA ASP B 213 24.84 2.96 20.29
C ASP B 213 24.07 1.67 20.69
N SER B 214 22.76 1.60 20.47
CA SER B 214 21.99 0.43 20.86
C SER B 214 22.14 -0.72 19.87
N VAL B 215 22.62 -0.42 18.65
CA VAL B 215 22.84 -1.41 17.57
C VAL B 215 24.23 -1.19 16.96
N SER B 216 24.65 -2.07 16.03
N SER B 216 24.65 -2.05 16.03
CA SER B 216 25.96 -1.95 15.40
CA SER B 216 25.95 -1.89 15.39
C SER B 216 25.82 -2.01 13.88
C SER B 216 25.80 -1.99 13.88
N ALA B 217 26.22 -0.93 13.16
CA ALA B 217 26.20 -0.95 11.69
C ALA B 217 27.49 -1.63 11.23
N VAL B 218 27.40 -2.61 10.34
CA VAL B 218 28.61 -3.28 9.84
C VAL B 218 29.28 -2.39 8.80
N LYS B 219 30.57 -2.60 8.59
CA LYS B 219 31.27 -1.96 7.49
C LYS B 219 30.94 -2.80 6.27
N VAL B 220 30.70 -2.16 5.11
CA VAL B 220 30.36 -2.89 3.87
C VAL B 220 31.56 -2.80 2.92
N ASP B 221 32.16 -3.97 2.56
CA ASP B 221 33.37 -4.01 1.72
C ASP B 221 34.46 -3.06 2.30
N GLY B 222 34.58 -3.09 3.64
CA GLY B 222 35.56 -2.30 4.40
C GLY B 222 35.22 -0.84 4.63
N VAL B 223 34.04 -0.40 4.19
CA VAL B 223 33.64 1.01 4.25
C VAL B 223 32.63 1.26 5.35
N GLU B 224 32.95 2.21 6.24
CA GLU B 224 32.09 2.59 7.36
C GLU B 224 30.85 3.29 6.85
N ALA B 225 29.75 3.04 7.53
CA ALA B 225 28.44 3.57 7.19
C ALA B 225 28.32 5.01 7.72
N THR B 226 28.90 5.97 6.95
CA THR B 226 28.91 7.37 7.34
C THR B 226 28.44 8.28 6.19
N PRO B 227 27.88 9.47 6.50
CA PRO B 227 27.48 10.41 5.42
C PRO B 227 28.65 10.78 4.50
N GLU B 228 29.87 10.93 5.05
CA GLU B 228 31.06 11.23 4.24
C GLU B 228 31.23 10.16 3.15
N ASN B 229 31.08 8.87 3.52
CA ASN B 229 31.33 7.76 2.58
C ASN B 229 30.15 7.58 1.60
N VAL B 230 28.96 8.07 1.93
CA VAL B 230 27.85 8.06 0.96
C VAL B 230 28.17 9.15 -0.09
N LEU B 231 28.56 10.34 0.37
CA LEU B 231 28.88 11.47 -0.51
C LEU B 231 30.07 11.17 -1.45
N ASN B 232 31.13 10.51 -0.95
CA ASN B 232 32.28 10.21 -1.83
C ASN B 232 32.03 8.92 -2.67
N LYS B 233 30.82 8.30 -2.52
CA LYS B 233 30.31 7.15 -3.27
C LYS B 233 31.00 5.81 -2.94
N SER B 234 31.84 5.75 -1.89
CA SER B 234 32.46 4.49 -1.51
C SER B 234 31.47 3.56 -0.80
N TYR B 235 30.46 4.14 -0.11
CA TYR B 235 29.41 3.36 0.54
C TYR B 235 28.27 3.27 -0.45
N LYS B 236 28.12 2.11 -1.09
CA LYS B 236 27.21 1.92 -2.22
C LYS B 236 25.70 1.85 -1.89
N VAL B 237 25.32 1.47 -0.67
CA VAL B 237 23.90 1.30 -0.35
C VAL B 237 23.32 2.63 0.14
N SER B 238 22.75 3.40 -0.79
CA SER B 238 22.23 4.73 -0.48
C SER B 238 21.11 5.10 -1.42
N ARG B 239 20.38 6.16 -1.07
CA ARG B 239 19.26 6.59 -1.88
C ARG B 239 18.88 8.03 -1.55
N PRO B 240 18.13 8.70 -2.43
CA PRO B 240 17.66 10.04 -2.08
C PRO B 240 16.48 10.03 -1.12
N PHE B 241 16.24 11.20 -0.47
CA PHE B 241 15.03 11.54 0.25
C PHE B 241 14.33 12.54 -0.64
N LEU B 242 13.11 12.23 -1.11
CA LEU B 242 12.36 13.11 -2.03
C LEU B 242 11.06 13.60 -1.45
N ALA B 243 10.73 14.87 -1.73
CA ALA B 243 9.40 15.40 -1.50
C ALA B 243 8.76 15.43 -2.86
N VAL B 244 7.59 14.79 -3.03
CA VAL B 244 6.95 14.72 -4.33
C VAL B 244 5.57 15.35 -4.25
N TYR B 245 5.13 15.98 -5.35
CA TYR B 245 3.81 16.62 -5.33
C TYR B 245 3.31 16.88 -6.73
N LYS B 246 1.99 17.11 -6.86
CA LYS B 246 1.40 17.51 -8.12
C LYS B 246 1.39 19.03 -8.11
N GLU B 247 1.94 19.67 -9.16
CA GLU B 247 2.04 21.13 -9.28
C GLU B 247 0.69 21.86 -8.97
N GLU B 248 -0.44 21.28 -9.39
CA GLU B 248 -1.78 21.86 -9.19
C GLU B 248 -2.25 21.81 -7.72
N ASN B 249 -1.66 20.94 -6.89
CA ASN B 249 -2.05 20.78 -5.48
C ASN B 249 -1.16 21.55 -4.50
N LEU B 250 0.08 21.90 -4.90
CA LEU B 250 1.00 22.55 -3.97
C LEU B 250 0.59 24.00 -3.67
N THR B 251 0.31 24.26 -2.40
CA THR B 251 -0.11 25.59 -1.93
C THR B 251 1.10 26.49 -1.67
N GLU B 252 0.84 27.80 -1.44
CA GLU B 252 1.86 28.76 -1.06
C GLU B 252 2.59 28.28 0.21
N SER B 253 1.82 27.78 1.21
CA SER B 253 2.40 27.23 2.44
C SER B 253 3.29 26.01 2.15
N GLY B 254 2.82 25.09 1.31
CA GLY B 254 3.59 23.89 0.97
C GLY B 254 4.88 24.27 0.28
N LYS B 255 4.80 25.22 -0.67
CA LYS B 255 5.95 25.73 -1.41
C LYS B 255 6.97 26.38 -0.46
N SER B 256 6.48 27.19 0.50
CA SER B 256 7.32 27.87 1.48
C SER B 256 8.08 26.86 2.35
N PHE B 257 7.40 25.76 2.74
CA PHE B 257 8.01 24.71 3.57
C PHE B 257 9.13 24.01 2.81
N ILE B 258 8.89 23.59 1.54
CA ILE B 258 9.93 22.93 0.75
C ILE B 258 11.15 23.89 0.58
N ASP B 259 10.89 25.16 0.25
CA ASP B 259 11.97 26.16 0.12
C ASP B 259 12.78 26.26 1.43
N PHE B 260 12.10 26.18 2.59
CA PHE B 260 12.78 26.24 3.87
C PHE B 260 13.72 25.02 4.03
N ILE B 261 13.23 23.81 3.71
CA ILE B 261 14.05 22.59 3.80
C ILE B 261 15.34 22.73 2.97
N LEU B 262 15.26 23.37 1.80
CA LEU B 262 16.38 23.52 0.89
C LEU B 262 17.31 24.70 1.25
N SER B 263 16.88 25.57 2.17
CA SER B 263 17.66 26.72 2.59
C SER B 263 18.86 26.27 3.44
N GLU B 264 19.80 27.21 3.74
CA GLU B 264 20.95 26.90 4.59
C GLU B 264 20.49 26.33 5.94
N GLU B 265 19.48 26.96 6.58
CA GLU B 265 18.97 26.48 7.86
C GLU B 265 18.33 25.09 7.71
N GLY B 266 17.59 24.86 6.60
CA GLY B 266 16.95 23.58 6.35
C GLY B 266 17.96 22.47 6.15
N GLN B 267 19.05 22.78 5.45
CA GLN B 267 20.09 21.79 5.16
C GLN B 267 20.96 21.51 6.39
N ASP B 268 21.10 22.50 7.32
CA ASP B 268 21.80 22.25 8.60
C ASP B 268 21.03 21.21 9.41
N ILE B 269 19.69 21.24 9.34
CA ILE B 269 18.83 20.28 10.04
C ILE B 269 19.04 18.88 9.43
N VAL B 270 19.14 18.81 8.11
CA VAL B 270 19.40 17.55 7.39
C VAL B 270 20.73 16.93 7.91
N ALA B 271 21.84 17.72 7.98
CA ALA B 271 23.14 17.21 8.43
C ALA B 271 23.09 16.72 9.89
N LYS B 272 22.33 17.42 10.76
CA LYS B 272 22.22 17.05 12.19
C LYS B 272 21.53 15.69 12.38
N GLU B 273 20.72 15.26 11.38
CA GLU B 273 20.02 13.97 11.43
C GLU B 273 20.85 12.83 10.81
N HIS B 274 22.19 13.02 10.63
CA HIS B 274 23.12 12.05 10.04
C HIS B 274 22.74 11.75 8.58
N LEU B 275 22.26 12.78 7.89
CA LEU B 275 21.92 12.70 6.48
C LEU B 275 22.94 13.46 5.65
N ILE B 276 22.85 13.31 4.33
CA ILE B 276 23.76 13.99 3.40
C ILE B 276 23.03 15.19 2.78
N LYS B 277 23.60 16.40 2.91
CA LYS B 277 23.00 17.60 2.32
C LYS B 277 22.96 17.50 0.80
N VAL B 278 21.94 18.13 0.18
CA VAL B 278 21.82 18.22 -1.28
C VAL B 278 22.35 19.58 -1.75
N LYS B 279 22.27 20.59 -0.89
CA LYS B 279 22.83 21.91 -1.17
C LYS B 279 23.85 22.23 -0.07
P PO4 C . -10.85 -2.92 -3.82
O1 PO4 C . -10.13 -2.88 -2.45
O2 PO4 C . -12.36 -2.69 -3.55
O3 PO4 C . -10.30 -1.85 -4.80
O4 PO4 C . -10.64 -4.32 -4.50
CL CL D . 0.76 -6.54 -6.96
CL CL E . -5.68 -6.80 19.24
P PO4 F . 10.57 3.75 4.08
O1 PO4 F . 11.53 4.99 4.18
O2 PO4 F . 9.62 3.70 5.26
O3 PO4 F . 9.78 3.89 2.72
O4 PO4 F . 11.43 2.44 4.05
C1 EDO G . 27.02 15.36 5.97
O1 EDO G . 27.31 15.80 7.30
C2 EDO G . 26.49 16.51 5.09
O2 EDO G . 26.93 16.34 3.77
CL CL H . 2.43 32.50 9.02
C1 PEG I . 3.12 -7.24 4.99
O1 PEG I . 3.85 -7.07 6.21
C2 PEG I . 3.93 -6.86 3.79
O2 PEG I . 5.15 -7.54 3.82
C3 PEG I . 5.56 -8.11 2.60
C4 PEG I . 6.45 -9.28 2.86
O4 PEG I . 7.21 -9.64 1.72
CL CL J . 5.30 7.42 -19.10
#